data_1PWA
#
_entry.id   1PWA
#
_cell.length_a   67.573
_cell.length_b   67.573
_cell.length_c   193.374
_cell.angle_alpha   90.00
_cell.angle_beta   90.00
_cell.angle_gamma   120.00
#
_symmetry.space_group_name_H-M   'H 3 2'
#
loop_
_entity.id
_entity.type
_entity.pdbx_description
1 polymer 'Fibroblast growth factor-19'
2 non-polymer 'SULFATE ION'
3 non-polymer 2-AMINO-2-HYDROXYMETHYL-PROPANE-1,3-DIOL
4 non-polymer GLYCEROL
5 water water
#
_entity_poly.entity_id   1
_entity_poly.type   'polypeptide(L)'
_entity_poly.pdbx_seq_one_letter_code
;GSMSGDPIRLRHLYTSGPHGLSSCFLRIRADGVVDCARGQSAHSLLEIKAVALRTVAIKGVHSVRYLCMGADGKMQGLLQ
YSEEDCAFEEEIRPDGYNVYRSEKHRLPVSLSSAKQRQLYKNRGFLPLSHFLPMLPMVPEEPEDLRGHLESDMFSSPLET
DS
;
_entity_poly.pdbx_strand_id   A
#
loop_
_chem_comp.id
_chem_comp.type
_chem_comp.name
_chem_comp.formula
GOL non-polymer GLYCEROL 'C3 H8 O3'
SO4 non-polymer 'SULFATE ION' 'O4 S -2'
TRS non-polymer 2-AMINO-2-HYDROXYMETHYL-PROPANE-1,3-DIOL 'C4 H12 N O3 1'
#
# COMPACT_ATOMS: atom_id res chain seq x y z
N PRO A 7 -13.50 -1.96 -9.78
CA PRO A 7 -12.40 -1.45 -10.65
C PRO A 7 -11.02 -1.66 -10.01
N ILE A 8 -10.06 -2.02 -10.84
CA ILE A 8 -8.72 -2.41 -10.39
C ILE A 8 -7.66 -1.57 -11.07
N ARG A 9 -6.69 -1.14 -10.29
CA ARG A 9 -5.46 -0.57 -10.79
C ARG A 9 -4.29 -1.44 -10.34
N LEU A 10 -3.35 -1.65 -11.25
CA LEU A 10 -2.08 -2.29 -10.93
C LEU A 10 -1.03 -1.20 -10.82
N ARG A 11 -0.49 -1.02 -9.63
CA ARG A 11 0.44 0.06 -9.34
C ARG A 11 1.50 -0.38 -8.34
N HIS A 12 2.57 0.41 -8.24
CA HIS A 12 3.56 0.31 -7.19
C HIS A 12 3.44 1.56 -6.33
N LEU A 13 3.35 1.41 -5.02
CA LEU A 13 3.20 2.55 -4.12
C LEU A 13 4.56 3.00 -3.62
N TYR A 14 4.90 4.26 -3.90
CA TYR A 14 6.19 4.85 -3.60
C TYR A 14 6.09 5.88 -2.47
N THR A 15 7.03 5.84 -1.54
CA THR A 15 7.19 6.88 -0.55
C THR A 15 8.67 7.14 -0.28
N SER A 16 8.93 8.16 0.53
CA SER A 16 10.26 8.46 1.04
C SER A 16 10.10 8.98 2.46
N GLY A 17 11.21 9.08 3.17
CA GLY A 17 11.19 9.48 4.57
C GLY A 17 11.27 10.97 4.78
N PRO A 18 11.26 11.41 6.03
CA PRO A 18 11.28 12.84 6.38
C PRO A 18 12.49 13.59 5.84
N HIS A 19 13.62 12.90 5.67
CA HIS A 19 14.83 13.53 5.15
C HIS A 19 14.91 13.44 3.64
N GLY A 20 14.02 12.67 3.01
CA GLY A 20 13.93 12.65 1.56
C GLY A 20 15.09 12.01 0.85
N LEU A 21 15.81 11.12 1.53
CA LEU A 21 16.94 10.42 0.92
C LEU A 21 16.56 9.05 0.39
N SER A 22 15.54 8.43 0.96
CA SER A 22 15.21 7.06 0.63
C SER A 22 14.24 6.94 -0.53
N SER A 23 14.29 5.79 -1.16
CA SER A 23 13.32 5.35 -2.13
C SER A 23 12.69 4.09 -1.59
N CYS A 24 11.38 4.13 -1.35
CA CYS A 24 10.65 3.03 -0.73
C CYS A 24 9.40 2.67 -1.51
N PHE A 25 9.47 1.59 -2.28
CA PHE A 25 8.29 0.98 -2.85
C PHE A 25 7.75 -0.03 -1.85
N LEU A 26 6.45 0.07 -1.55
CA LEU A 26 5.84 -0.83 -0.58
C LEU A 26 5.84 -2.24 -1.14
N ARG A 27 6.44 -3.16 -0.40
CA ARG A 27 6.60 -4.53 -0.84
C ARG A 27 5.88 -5.47 0.13
N ILE A 28 4.98 -6.28 -0.41
CA ILE A 28 4.30 -7.31 0.36
C ILE A 28 4.96 -8.64 0.02
N ARG A 29 5.75 -9.14 0.95
CA ARG A 29 6.53 -10.36 0.72
C ARG A 29 5.65 -11.59 0.88
N ALA A 30 6.13 -12.70 0.31
CA ALA A 30 5.43 -13.98 0.40
C ALA A 30 5.24 -14.44 1.85
N ASP A 31 6.11 -14.01 2.76
CA ASP A 31 6.02 -14.39 4.17
C ASP A 31 5.13 -13.46 5.00
N GLY A 32 4.55 -12.44 4.36
CA GLY A 32 3.61 -11.55 5.01
C GLY A 32 4.24 -10.30 5.56
N VAL A 33 5.56 -10.20 5.54
CA VAL A 33 6.22 -8.97 5.92
C VAL A 33 5.98 -7.88 4.87
N VAL A 34 5.69 -6.69 5.35
CA VAL A 34 5.55 -5.52 4.49
C VAL A 34 6.74 -4.63 4.77
N ASP A 35 7.50 -4.31 3.74
CA ASP A 35 8.70 -3.49 3.90
C ASP A 35 8.92 -2.63 2.66
N CYS A 36 10.08 -1.99 2.60
CA CYS A 36 10.45 -1.14 1.49
C CYS A 36 11.40 -1.85 0.53
N ALA A 37 11.22 -1.62 -0.75
CA ALA A 37 12.21 -1.97 -1.77
C ALA A 37 12.66 -0.70 -2.46
N ARG A 38 13.93 -0.63 -2.86
CA ARG A 38 14.45 0.57 -3.48
C ARG A 38 13.84 0.86 -4.83
N GLY A 39 13.50 -0.19 -5.58
CA GLY A 39 12.94 -0.07 -6.91
C GLY A 39 11.73 -0.96 -7.09
N GLN A 40 10.99 -0.74 -8.16
CA GLN A 40 9.87 -1.62 -8.51
C GLN A 40 10.33 -3.06 -8.73
N SER A 41 9.57 -3.99 -8.16
CA SER A 41 9.87 -5.42 -8.28
C SER A 41 8.57 -6.21 -8.34
N ALA A 42 8.71 -7.53 -8.44
CA ALA A 42 7.54 -8.39 -8.52
C ALA A 42 6.67 -8.31 -7.29
N HIS A 43 7.28 -8.23 -6.10
CA HIS A 43 6.50 -8.21 -4.86
C HIS A 43 6.10 -6.82 -4.45
N SER A 44 6.46 -5.80 -5.24
CA SER A 44 5.90 -4.48 -5.04
C SER A 44 4.72 -4.20 -5.97
N LEU A 45 4.46 -5.03 -6.97
CA LEU A 45 3.28 -4.80 -7.82
C LEU A 45 2.02 -5.06 -7.01
N LEU A 46 1.15 -4.07 -6.91
CA LEU A 46 -0.08 -4.17 -6.12
C LEU A 46 -1.32 -4.03 -6.98
N GLU A 47 -2.37 -4.76 -6.58
CA GLU A 47 -3.71 -4.55 -7.08
C GLU A 47 -4.41 -3.62 -6.11
N ILE A 48 -4.80 -2.43 -6.56
CA ILE A 48 -5.59 -1.51 -5.76
C ILE A 48 -7.01 -1.58 -6.30
N LYS A 49 -7.90 -2.17 -5.49
CA LYS A 49 -9.28 -2.38 -5.88
C LYS A 49 -10.13 -1.29 -5.26
N ALA A 50 -10.90 -0.57 -6.09
CA ALA A 50 -11.83 0.44 -5.61
C ALA A 50 -13.11 -0.23 -5.20
N VAL A 51 -13.24 -0.50 -3.91
CA VAL A 51 -14.41 -1.20 -3.40
C VAL A 51 -15.65 -0.29 -3.50
N ALA A 52 -15.55 0.94 -3.01
CA ALA A 52 -16.62 1.92 -3.27
C ALA A 52 -16.11 3.32 -2.97
N LEU A 53 -16.54 4.32 -3.74
CA LEU A 53 -16.09 5.70 -3.57
C LEU A 53 -14.55 5.79 -3.40
N ARG A 54 -14.08 6.28 -2.28
CA ARG A 54 -12.66 6.43 -2.01
C ARG A 54 -12.12 5.29 -1.17
N THR A 55 -12.78 4.16 -1.09
CA THR A 55 -12.36 3.04 -0.27
C THR A 55 -11.65 2.03 -1.15
N VAL A 56 -10.48 1.57 -0.71
CA VAL A 56 -9.70 0.60 -1.45
C VAL A 56 -9.32 -0.62 -0.61
N ALA A 57 -9.11 -1.73 -1.31
CA ALA A 57 -8.42 -2.88 -0.80
C ALA A 57 -7.16 -3.04 -1.65
N ILE A 58 -6.04 -3.37 -1.03
CA ILE A 58 -4.76 -3.43 -1.70
C ILE A 58 -4.19 -4.83 -1.51
N LYS A 59 -3.83 -5.49 -2.60
CA LYS A 59 -3.35 -6.86 -2.57
C LYS A 59 -2.06 -6.97 -3.36
N GLY A 60 -1.05 -7.62 -2.80
CA GLY A 60 0.18 -7.91 -3.51
C GLY A 60 -0.09 -8.93 -4.59
N VAL A 61 0.26 -8.63 -5.84
CA VAL A 61 -0.05 -9.53 -6.95
C VAL A 61 0.65 -10.85 -6.81
N HIS A 62 1.92 -10.82 -6.45
CA HIS A 62 2.69 -12.06 -6.44
C HIS A 62 2.64 -12.81 -5.10
N SER A 63 2.50 -12.11 -3.98
CA SER A 63 2.25 -12.77 -2.69
C SER A 63 0.81 -13.22 -2.51
N VAL A 64 -0.11 -12.63 -3.28
CA VAL A 64 -1.55 -12.82 -3.12
C VAL A 64 -1.98 -12.55 -1.67
N ARG A 65 -1.32 -11.57 -1.05
CA ARG A 65 -1.63 -11.17 0.30
C ARG A 65 -2.19 -9.74 0.32
N TYR A 66 -3.25 -9.56 1.12
CA TYR A 66 -3.85 -8.24 1.36
C TYR A 66 -3.02 -7.41 2.32
N LEU A 67 -2.89 -6.14 2.02
CA LEU A 67 -2.26 -5.19 2.91
C LEU A 67 -3.24 -4.85 4.01
N CYS A 68 -2.84 -5.19 5.23
CA CYS A 68 -3.71 -5.07 6.39
C CYS A 68 -2.98 -4.40 7.55
N MET A 69 -3.73 -3.64 8.32
CA MET A 69 -3.17 -2.93 9.46
C MET A 69 -3.45 -3.70 10.75
N GLY A 70 -2.39 -3.86 11.54
CA GLY A 70 -2.49 -4.54 12.83
C GLY A 70 -2.23 -3.57 13.96
N ALA A 71 -1.73 -4.14 15.06
CA ALA A 71 -1.53 -3.39 16.29
C ALA A 71 -0.52 -2.25 16.10
N ASP A 72 -0.82 -1.10 16.69
CA ASP A 72 0.05 0.07 16.62
C ASP A 72 0.10 0.65 15.19
N GLY A 73 -0.76 0.19 14.27
CA GLY A 73 -0.70 0.63 12.87
C GLY A 73 0.28 -0.15 12.03
N LYS A 74 0.93 -1.17 12.59
CA LYS A 74 1.95 -1.93 11.86
C LYS A 74 1.31 -2.69 10.71
N MET A 75 1.87 -2.56 9.51
CA MET A 75 1.30 -3.20 8.34
C MET A 75 1.83 -4.61 8.15
N GLN A 76 0.99 -5.48 7.61
CA GLN A 76 1.34 -6.87 7.33
C GLN A 76 0.56 -7.34 6.11
N GLY A 77 0.96 -8.45 5.53
CA GLY A 77 0.24 -9.05 4.43
C GLY A 77 -0.47 -10.31 4.91
N LEU A 78 -1.78 -10.39 4.69
CA LEU A 78 -2.57 -11.54 5.12
C LEU A 78 -3.22 -12.20 3.93
N LEU A 79 -3.30 -13.53 3.97
CA LEU A 79 -3.94 -14.27 2.89
C LEU A 79 -5.45 -14.03 2.84
N GLN A 80 -6.07 -13.71 3.98
CA GLN A 80 -7.50 -13.47 4.05
C GLN A 80 -7.80 -12.00 4.29
N TYR A 81 -8.70 -11.45 3.50
CA TYR A 81 -9.11 -10.06 3.59
C TYR A 81 -10.10 -9.90 4.74
N SER A 82 -9.87 -8.87 5.55
CA SER A 82 -10.83 -8.44 6.55
C SER A 82 -11.02 -6.94 6.36
N GLU A 83 -12.23 -6.49 6.01
CA GLU A 83 -12.39 -5.08 5.65
C GLU A 83 -12.04 -4.13 6.80
N GLU A 84 -12.32 -4.49 8.05
CA GLU A 84 -12.02 -3.55 9.12
C GLU A 84 -10.53 -3.20 9.19
N ASP A 85 -9.67 -4.18 8.92
CA ASP A 85 -8.23 -3.99 8.98
C ASP A 85 -7.56 -3.75 7.64
N CYS A 86 -8.26 -4.05 6.55
CA CYS A 86 -7.64 -4.09 5.22
C CYS A 86 -8.32 -3.20 4.18
N ALA A 87 -9.36 -2.47 4.58
CA ALA A 87 -9.97 -1.46 3.71
C ALA A 87 -9.55 -0.10 4.20
N PHE A 88 -9.15 0.77 3.26
CA PHE A 88 -8.63 2.09 3.60
C PHE A 88 -9.31 3.17 2.78
N GLU A 89 -9.43 4.36 3.35
CA GLU A 89 -9.88 5.52 2.62
C GLU A 89 -8.68 6.15 1.93
N GLU A 90 -8.77 6.30 0.62
CA GLU A 90 -7.70 6.90 -0.18
C GLU A 90 -7.93 8.40 -0.31
N GLU A 91 -6.97 9.19 0.15
CA GLU A 91 -7.09 10.64 0.22
C GLU A 91 -5.90 11.27 -0.47
N ILE A 92 -6.13 12.06 -1.50
CA ILE A 92 -5.08 12.83 -2.15
C ILE A 92 -4.56 13.94 -1.27
N ARG A 93 -3.26 14.18 -1.30
CA ARG A 93 -2.63 15.25 -0.56
C ARG A 93 -2.04 16.27 -1.52
N PRO A 94 -1.75 17.47 -1.03
CA PRO A 94 -1.16 18.51 -1.89
C PRO A 94 0.10 18.10 -2.67
N ASP A 95 0.94 17.21 -2.14
CA ASP A 95 2.14 16.76 -2.83
C ASP A 95 1.85 15.79 -3.99
N GLY A 96 0.57 15.47 -4.23
CA GLY A 96 0.20 14.53 -5.26
C GLY A 96 0.23 13.08 -4.86
N TYR A 97 0.65 12.79 -3.62
CA TYR A 97 0.66 11.46 -3.07
C TYR A 97 -0.64 11.23 -2.32
N ASN A 98 -0.94 9.96 -2.03
CA ASN A 98 -2.13 9.60 -1.25
C ASN A 98 -1.78 9.20 0.17
N VAL A 99 -2.71 9.43 1.08
CA VAL A 99 -2.74 8.77 2.36
C VAL A 99 -3.87 7.74 2.34
N TYR A 100 -3.61 6.59 2.93
CA TYR A 100 -4.58 5.50 3.04
C TYR A 100 -4.94 5.38 4.51
N ARG A 101 -6.15 5.82 4.87
CA ARG A 101 -6.56 5.91 6.25
C ARG A 101 -7.36 4.69 6.68
N SER A 102 -7.03 4.11 7.82
CA SER A 102 -7.85 3.09 8.45
C SER A 102 -8.81 3.72 9.46
N GLU A 103 -10.11 3.59 9.22
CA GLU A 103 -11.09 4.11 10.17
C GLU A 103 -11.02 3.39 11.52
N LYS A 104 -10.93 2.06 11.52
CA LYS A 104 -10.88 1.31 12.77
C LYS A 104 -9.71 1.75 13.62
N HIS A 105 -8.53 1.81 13.00
CA HIS A 105 -7.29 2.09 13.70
C HIS A 105 -7.01 3.57 13.92
N ARG A 106 -7.77 4.43 13.25
CA ARG A 106 -7.57 5.88 13.31
C ARG A 106 -6.12 6.27 12.98
N LEU A 107 -5.56 5.61 11.97
CA LEU A 107 -4.18 5.81 11.58
C LEU A 107 -4.04 5.65 10.09
N PRO A 108 -3.05 6.32 9.49
CA PRO A 108 -2.72 6.07 8.10
C PRO A 108 -1.83 4.84 7.96
N VAL A 109 -1.93 4.16 6.83
CA VAL A 109 -0.95 3.19 6.43
C VAL A 109 0.41 3.86 6.41
N SER A 110 1.39 3.23 7.07
CA SER A 110 2.73 3.77 7.16
C SER A 110 3.74 2.65 7.28
N LEU A 111 4.91 2.87 6.67
CA LEU A 111 6.04 1.96 6.81
C LEU A 111 7.07 2.47 7.79
N SER A 112 6.66 3.41 8.63
CA SER A 112 7.50 3.87 9.75
C SER A 112 8.01 2.67 10.52
N LEU A 126 2.72 10.83 10.13
CA LEU A 126 3.76 9.79 10.27
C LEU A 126 4.68 9.80 9.06
N PRO A 127 5.96 9.53 9.28
CA PRO A 127 6.88 9.24 8.19
C PRO A 127 6.37 8.09 7.35
N LEU A 128 6.71 8.09 6.08
CA LEU A 128 6.45 6.96 5.20
C LEU A 128 4.96 6.63 5.17
N SER A 129 4.14 7.66 5.09
CA SER A 129 2.69 7.51 4.97
C SER A 129 2.08 8.17 3.75
N HIS A 130 2.86 8.93 2.98
CA HIS A 130 2.38 9.45 1.71
C HIS A 130 2.86 8.51 0.62
N PHE A 131 1.93 7.91 -0.12
CA PHE A 131 2.26 6.93 -1.16
C PHE A 131 1.76 7.37 -2.51
N LEU A 132 2.66 7.43 -3.47
CA LEU A 132 2.30 7.76 -4.84
C LEU A 132 2.05 6.45 -5.60
N PRO A 133 0.85 6.23 -6.15
CA PRO A 133 0.66 5.05 -7.02
C PRO A 133 1.30 5.27 -8.36
N MET A 134 2.40 4.57 -8.58
CA MET A 134 3.15 4.68 -9.81
C MET A 134 2.81 3.55 -10.75
N LEU A 135 2.80 3.86 -12.03
CA LEU A 135 2.53 2.83 -13.03
C LEU A 135 3.68 1.86 -13.08
N PRO A 136 3.38 0.62 -13.44
CA PRO A 136 4.46 -0.34 -13.64
C PRO A 136 5.24 0.06 -14.88
N MET A 137 6.53 -0.25 -14.87
CA MET A 137 7.38 0.03 -16.02
C MET A 137 7.19 -0.93 -17.14
N VAL A 138 6.41 -1.98 -16.95
CA VAL A 138 6.04 -2.86 -18.01
C VAL A 138 4.56 -3.23 -17.86
N PRO A 139 3.88 -3.45 -18.97
CA PRO A 139 2.46 -3.77 -18.90
C PRO A 139 2.17 -5.13 -18.27
N GLU A 140 0.94 -5.29 -17.77
CA GLU A 140 0.44 -6.53 -17.16
C GLU A 140 -1.07 -6.55 -17.00
N GLU A 141 -1.72 -7.71 -17.14
CA GLU A 141 -3.15 -7.84 -16.87
C GLU A 141 -3.38 -8.48 -15.49
N PRO A 142 -4.46 -8.12 -14.80
CA PRO A 142 -4.82 -8.78 -13.54
C PRO A 142 -4.98 -10.29 -13.74
S SO4 B . 14.85 9.35 4.67
O1 SO4 B . 14.04 9.35 3.28
O2 SO4 B . 16.13 9.96 4.39
O3 SO4 B . 14.19 9.98 5.61
O4 SO4 B . 14.97 7.95 4.99
C TRS C . 11.15 -9.27 -4.72
C1 TRS C . 10.04 -9.09 -5.73
C2 TRS C . 12.38 -9.42 -5.54
C3 TRS C . 11.12 -8.01 -3.89
N TRS C . 11.11 -10.47 -3.84
O1 TRS C . 9.66 -10.38 -6.36
O2 TRS C . 12.01 -10.01 -6.88
O3 TRS C . 11.94 -6.95 -4.38
C1 GOL D . -11.06 -6.56 -1.97
O1 GOL D . -9.90 -7.11 -2.96
C2 GOL D . -12.31 -7.15 -1.87
O2 GOL D . -13.16 -6.24 -1.35
C3 GOL D . -12.05 -8.28 -1.62
O3 GOL D . -11.05 -9.48 -1.70
#